data_6CV7
#
_entry.id   6CV7
#
_cell.length_a   114.444
_cell.length_b   114.444
_cell.length_c   172.011
_cell.angle_alpha   90.00
_cell.angle_beta   90.00
_cell.angle_gamma   120.00
#
_symmetry.space_group_name_H-M   'P 65 2 2'
#
loop_
_entity.id
_entity.type
_entity.pdbx_description
1 polymer Protocadherin-15
2 non-polymer 'CALCIUM ION'
3 non-polymer 1,2-ETHANEDIOL
4 non-polymer alpha-D-mannopyranose
5 non-polymer 2-acetamido-2-deoxy-beta-D-glucopyranose
6 water water
#
_entity_poly.entity_id   1
_entity_poly.type   'polypeptide(L)'
_entity_poly.pdbx_seq_one_letter_code
;QYDDDWQYEDCKLARGGPPATIVAIDEESRNGTILVDNMLIKGTAGGPDPTIELSLKDNVDYWVLLDPVKQMLFLNSTGR
VLDRDPPMNIHSIVVQVQCVNKKVGTVIYHEVRIVVRDRNDNSPTFKHESYYATVNELTPVGTTIFTGFSGDNGATDIDD
GPNGQIEYVIQYNPEDPTSNDTFEIPLMLTGNVVLRKRLNYEDKTRYYVIIQANDRAQNLNERRTTTTTLTVDVLDGDDL
GPMFLPCVLVPNTRDCRPLTYQAAIPELRTPEELNPILVTPPIQAIDQDRNIQPPSDRPGILYSILVGTPEDYPRFFHMH
PRTAELTLLEPVNRDFHQKFDLVIKAEQDNGHPLPAFASLHIEILDENNHHHHHHHH
;
_entity_poly.pdbx_strand_id   A
#
loop_
_chem_comp.id
_chem_comp.type
_chem_comp.name
_chem_comp.formula
CA non-polymer 'CALCIUM ION' 'Ca 2'
EDO non-polymer 1,2-ETHANEDIOL 'C2 H6 O2'
MAN D-saccharide, alpha linking alpha-D-mannopyranose 'C6 H12 O6'
NAG D-saccharide, beta linking 2-acetamido-2-deoxy-beta-D-glucopyranose 'C8 H15 N O6'
#
# COMPACT_ATOMS: atom_id res chain seq x y z
N TYR A 2 33.60 -19.02 58.84
CA TYR A 2 34.67 -18.14 58.41
C TYR A 2 35.77 -18.96 57.80
N ASP A 3 36.28 -18.55 56.66
CA ASP A 3 37.35 -19.30 56.11
C ASP A 3 38.56 -18.42 55.80
N ASP A 4 39.70 -18.78 56.34
CA ASP A 4 40.96 -18.13 56.07
C ASP A 4 41.37 -18.25 54.60
N ASP A 5 41.02 -19.33 53.91
CA ASP A 5 41.33 -19.50 52.51
C ASP A 5 40.77 -18.40 51.57
N TRP A 6 39.72 -17.67 51.92
CA TRP A 6 39.26 -16.58 51.11
C TRP A 6 39.91 -15.22 51.46
N GLN A 7 40.91 -15.17 52.34
CA GLN A 7 41.53 -13.90 52.72
C GLN A 7 42.58 -13.45 51.66
N TYR A 8 42.89 -14.32 50.69
CA TYR A 8 43.91 -14.01 49.65
C TYR A 8 43.37 -13.11 48.53
N GLU A 9 44.26 -12.33 47.93
CA GLU A 9 43.79 -11.55 46.75
C GLU A 9 43.93 -12.28 45.44
N ASP A 10 44.68 -13.37 45.41
CA ASP A 10 44.83 -14.12 44.17
C ASP A 10 43.48 -14.57 43.72
N CYS A 11 43.26 -14.48 42.41
CA CYS A 11 42.00 -14.87 41.76
C CYS A 11 40.85 -13.84 41.91
N LYS A 12 41.14 -12.64 42.40
CA LYS A 12 40.14 -11.62 42.51
C LYS A 12 40.51 -10.50 41.53
N LEU A 13 39.56 -9.67 41.18
CA LEU A 13 39.79 -8.67 40.12
C LEU A 13 40.33 -7.37 40.65
N ALA A 14 41.41 -6.92 40.04
CA ALA A 14 42.04 -5.69 40.44
C ALA A 14 41.43 -4.53 39.60
N ARG A 15 40.10 -4.36 39.71
CA ARG A 15 39.45 -3.23 39.04
C ARG A 15 38.21 -2.84 39.79
N GLY A 16 37.71 -1.63 39.55
CA GLY A 16 36.37 -1.28 40.04
C GLY A 16 35.35 -1.89 39.09
N GLY A 17 34.07 -1.57 39.29
CA GLY A 17 33.00 -2.08 38.43
C GLY A 17 32.35 -3.35 38.96
N PRO A 18 31.38 -3.88 38.22
CA PRO A 18 30.65 -5.08 38.63
C PRO A 18 31.53 -6.34 38.53
N PRO A 19 31.09 -7.44 39.14
CA PRO A 19 31.78 -8.74 39.07
C PRO A 19 31.89 -9.27 37.63
N ALA A 20 30.83 -9.13 36.83
CA ALA A 20 30.89 -9.53 35.42
C ALA A 20 31.78 -8.56 34.64
N THR A 21 32.55 -9.10 33.71
CA THR A 21 33.40 -8.31 32.87
C THR A 21 32.59 -8.15 31.60
N ILE A 22 32.08 -6.95 31.35
CA ILE A 22 31.21 -6.72 30.24
C ILE A 22 31.87 -5.90 29.14
N VAL A 23 31.86 -6.39 27.92
CA VAL A 23 32.45 -5.71 26.78
C VAL A 23 31.53 -5.81 25.58
N ALA A 24 31.82 -5.08 24.53
CA ALA A 24 30.94 -5.17 23.35
C ALA A 24 31.78 -5.17 22.07
N ILE A 25 31.33 -5.95 21.08
CA ILE A 25 31.95 -5.95 19.78
C ILE A 25 30.82 -5.97 18.74
N ASP A 26 31.15 -5.58 17.53
CA ASP A 26 30.15 -5.60 16.44
C ASP A 26 29.92 -7.02 16.01
N GLU A 27 28.72 -7.32 15.56
CA GLU A 27 28.50 -8.62 14.95
C GLU A 27 29.38 -8.74 13.72
N GLU A 28 29.63 -9.97 13.34
CA GLU A 28 30.42 -10.27 12.18
C GLU A 28 31.87 -9.82 12.25
N SER A 29 32.32 -9.52 13.44
CA SER A 29 33.75 -9.14 13.69
C SER A 29 34.73 -10.21 13.20
N ARG A 30 35.91 -9.79 12.75
CA ARG A 30 36.99 -10.70 12.28
C ARG A 30 37.44 -11.73 13.29
N ASN A 31 37.88 -12.90 12.77
CA ASN A 31 38.61 -13.81 13.65
C ASN A 31 39.77 -13.11 14.31
N GLY A 32 39.98 -13.41 15.58
CA GLY A 32 41.11 -12.84 16.30
C GLY A 32 40.84 -11.49 16.96
N THR A 33 39.61 -10.97 16.77
CA THR A 33 39.20 -9.74 17.42
C THR A 33 39.39 -9.85 18.92
N ILE A 34 40.08 -8.89 19.51
CA ILE A 34 40.27 -8.93 20.97
C ILE A 34 38.97 -8.63 21.67
N LEU A 35 38.57 -9.54 22.57
CA LEU A 35 37.35 -9.36 23.35
C LEU A 35 37.62 -8.72 24.71
N VAL A 36 38.62 -9.23 25.44
CA VAL A 36 39.07 -8.61 26.67
C VAL A 36 40.56 -8.48 26.60
N ASP A 37 41.10 -7.26 26.68
CA ASP A 37 42.55 -7.11 26.57
C ASP A 37 43.28 -7.61 27.81
N ASN A 38 42.68 -7.43 28.98
CA ASN A 38 43.34 -7.87 30.22
C ASN A 38 42.25 -8.08 31.25
N MET A 39 42.04 -9.31 31.73
CA MET A 39 41.05 -9.57 32.78
C MET A 39 41.35 -8.93 34.15
N LEU A 40 42.59 -8.55 34.37
CA LEU A 40 43.02 -7.93 35.60
C LEU A 40 42.82 -8.77 36.85
N ILE A 41 43.04 -10.06 36.71
CA ILE A 41 42.91 -10.99 37.80
C ILE A 41 44.20 -11.05 38.61
N LYS A 42 44.13 -10.81 39.89
CA LYS A 42 45.32 -10.84 40.70
C LYS A 42 45.93 -12.22 40.75
N GLY A 43 47.23 -12.25 40.70
CA GLY A 43 47.95 -13.47 40.73
C GLY A 43 48.68 -13.69 39.44
N THR A 44 49.48 -14.73 39.36
CA THR A 44 50.22 -15.02 38.15
C THR A 44 50.02 -16.43 37.67
N ALA A 45 49.62 -16.57 36.41
CA ALA A 45 49.43 -17.88 35.84
C ALA A 45 50.67 -18.33 35.12
N GLY A 46 51.58 -17.42 34.89
CA GLY A 46 52.81 -17.75 34.22
C GLY A 46 53.95 -18.08 35.14
N GLY A 47 55.05 -18.49 34.56
CA GLY A 47 56.22 -18.81 35.32
C GLY A 47 56.31 -20.21 35.81
N PRO A 48 57.41 -20.53 36.46
CA PRO A 48 57.54 -21.93 36.88
C PRO A 48 56.84 -22.21 38.20
N ASP A 49 56.43 -21.17 38.92
CA ASP A 49 55.69 -21.35 40.17
C ASP A 49 54.44 -20.50 40.19
N PRO A 50 53.50 -20.72 39.28
CA PRO A 50 52.34 -19.83 39.21
C PRO A 50 51.55 -19.85 40.52
N THR A 51 50.84 -18.77 40.84
CA THR A 51 49.98 -18.76 42.03
C THR A 51 48.52 -19.05 41.65
N ILE A 52 48.21 -18.92 40.37
CA ILE A 52 46.84 -19.16 39.86
C ILE A 52 46.84 -19.99 38.60
N GLU A 53 45.72 -20.63 38.30
CA GLU A 53 45.51 -21.29 37.00
C GLU A 53 44.22 -20.75 36.42
N LEU A 54 44.26 -20.39 35.12
CA LEU A 54 43.13 -19.80 34.46
C LEU A 54 42.70 -20.71 33.33
N SER A 55 41.40 -20.84 33.14
CA SER A 55 40.83 -21.62 32.03
C SER A 55 39.43 -21.11 31.70
N LEU A 56 38.89 -21.49 30.54
CA LEU A 56 37.51 -21.10 30.16
C LEU A 56 36.52 -22.19 30.46
N LYS A 57 35.37 -21.83 30.99
CA LYS A 57 34.28 -22.77 31.17
C LYS A 57 33.04 -22.22 30.49
N ASP A 58 32.14 -23.10 30.09
CA ASP A 58 30.91 -22.70 29.40
C ASP A 58 31.16 -21.95 28.09
N ASN A 59 32.14 -22.43 27.34
CA ASN A 59 32.53 -21.76 26.09
C ASN A 59 31.76 -22.38 24.95
N VAL A 60 30.46 -22.09 24.89
CA VAL A 60 29.54 -22.71 23.90
C VAL A 60 30.01 -22.45 22.47
N ASP A 61 30.20 -23.52 21.70
CA ASP A 61 30.64 -23.43 20.30
C ASP A 61 32.02 -22.71 20.13
N TYR A 62 32.78 -22.65 21.23
CA TYR A 62 34.19 -22.26 21.18
C TYR A 62 34.39 -20.87 20.60
N TRP A 63 33.46 -19.95 20.86
CA TRP A 63 33.61 -18.61 20.33
C TRP A 63 34.77 -17.84 20.96
N VAL A 64 35.21 -18.23 22.17
CA VAL A 64 36.23 -17.46 22.87
C VAL A 64 37.54 -18.25 23.04
N LEU A 65 38.67 -17.57 22.89
CA LEU A 65 39.97 -18.20 23.14
C LEU A 65 40.66 -17.40 24.22
N LEU A 66 41.36 -18.10 25.09
CA LEU A 66 42.02 -17.44 26.19
C LEU A 66 43.52 -17.59 26.12
N ASP A 67 44.25 -16.49 26.33
CA ASP A 67 45.70 -16.51 26.72
C ASP A 67 45.84 -16.28 28.20
N PRO A 68 46.20 -17.36 28.95
CA PRO A 68 46.09 -17.30 30.40
C PRO A 68 47.16 -16.39 31.04
N VAL A 69 48.25 -16.18 30.35
CA VAL A 69 49.32 -15.37 30.91
C VAL A 69 49.06 -13.89 30.73
N LYS A 70 48.69 -13.49 29.52
CA LYS A 70 48.25 -12.15 29.28
C LYS A 70 46.86 -11.89 29.82
N GLN A 71 46.09 -12.91 30.12
CA GLN A 71 44.73 -12.77 30.58
C GLN A 71 43.88 -12.05 29.50
N MET A 72 44.07 -12.47 28.28
CA MET A 72 43.44 -11.88 27.11
C MET A 72 42.49 -12.87 26.43
N LEU A 73 41.33 -12.39 26.03
CA LEU A 73 40.33 -13.21 25.37
C LEU A 73 40.17 -12.77 23.93
N PHE A 74 40.03 -13.73 23.04
CA PHE A 74 39.93 -13.45 21.59
C PHE A 74 38.73 -14.13 21.00
N LEU A 75 38.26 -13.61 19.86
CA LEU A 75 37.11 -14.19 19.15
C LEU A 75 37.64 -15.28 18.22
N ASN A 76 37.07 -16.47 18.32
CA ASN A 76 37.38 -17.55 17.37
C ASN A 76 36.27 -17.61 16.31
N SER A 77 36.50 -17.07 15.11
CA SER A 77 35.44 -17.10 14.11
CA SER A 77 35.44 -17.06 14.09
C SER A 77 35.88 -17.52 12.70
N THR A 78 37.07 -18.14 12.58
CA THR A 78 37.48 -18.71 11.30
CA THR A 78 37.49 -18.75 11.31
C THR A 78 36.42 -19.66 10.76
N GLY A 79 36.07 -19.47 9.48
CA GLY A 79 35.16 -20.35 8.75
C GLY A 79 33.68 -20.05 9.00
N ARG A 80 33.37 -19.12 9.89
CA ARG A 80 31.96 -18.81 10.22
C ARG A 80 31.81 -17.32 10.47
N VAL A 81 30.60 -16.90 10.81
CA VAL A 81 30.35 -15.49 11.08
CA VAL A 81 30.23 -15.50 11.00
C VAL A 81 29.56 -15.33 12.37
N LEU A 82 29.92 -14.31 13.11
CA LEU A 82 29.28 -14.05 14.36
C LEU A 82 28.02 -13.25 14.01
N ASP A 83 26.93 -13.93 13.69
CA ASP A 83 25.72 -13.22 13.31
C ASP A 83 24.73 -12.95 14.44
N ARG A 84 24.37 -11.69 14.64
CA ARG A 84 23.42 -11.36 15.67
C ARG A 84 21.98 -11.56 15.21
N ASP A 85 21.80 -11.60 13.91
CA ASP A 85 20.45 -11.68 13.33
C ASP A 85 20.08 -13.15 13.18
N PRO A 86 18.81 -13.48 12.89
CA PRO A 86 18.53 -14.87 12.55
C PRO A 86 19.25 -15.21 11.25
N PRO A 87 19.72 -16.46 11.10
CA PRO A 87 19.33 -17.62 11.91
C PRO A 87 20.12 -17.83 13.19
N MET A 88 21.29 -17.22 13.35
CA MET A 88 22.13 -17.39 14.55
C MET A 88 21.63 -16.75 15.84
N ASN A 89 21.16 -15.54 15.74
CA ASN A 89 20.62 -14.83 16.91
C ASN A 89 21.57 -14.74 18.09
N ILE A 90 22.84 -14.46 17.83
CA ILE A 90 23.77 -14.32 18.94
C ILE A 90 23.80 -12.87 19.37
N HIS A 91 23.05 -12.58 20.44
CA HIS A 91 22.98 -11.23 20.99
C HIS A 91 24.07 -10.97 22.01
N SER A 92 24.52 -12.04 22.64
CA SER A 92 25.72 -11.95 23.50
C SER A 92 26.36 -13.31 23.59
N ILE A 93 27.63 -13.30 24.00
CA ILE A 93 28.39 -14.53 24.26
C ILE A 93 28.74 -14.47 25.74
N VAL A 94 28.37 -15.48 26.51
CA VAL A 94 28.71 -15.47 27.94
C VAL A 94 29.58 -16.70 28.22
N VAL A 95 30.71 -16.47 28.87
CA VAL A 95 31.61 -17.58 29.23
C VAL A 95 32.12 -17.27 30.64
N GLN A 96 32.77 -18.25 31.24
CA GLN A 96 33.32 -18.02 32.57
C GLN A 96 34.82 -18.19 32.50
N VAL A 97 35.56 -17.26 33.11
CA VAL A 97 36.97 -17.50 33.29
C VAL A 97 37.15 -18.12 34.69
N GLN A 98 37.57 -19.36 34.73
CA GLN A 98 37.80 -20.05 35.99
C GLN A 98 39.21 -19.76 36.51
N CYS A 99 39.30 -19.37 37.77
CA CYS A 99 40.60 -19.12 38.35
C CYS A 99 40.78 -20.00 39.58
N VAL A 100 41.87 -20.77 39.64
CA VAL A 100 42.11 -21.59 40.77
C VAL A 100 43.26 -21.00 41.53
N ASN A 101 43.12 -20.84 42.82
CA ASN A 101 44.21 -20.30 43.63
C ASN A 101 45.04 -21.50 44.07
N LYS A 102 46.26 -21.57 43.59
CA LYS A 102 46.99 -22.85 43.74
C LYS A 102 47.43 -23.12 45.16
N LYS A 103 47.63 -22.07 45.95
CA LYS A 103 48.03 -22.28 47.34
C LYS A 103 46.97 -23.04 48.12
N VAL A 104 45.69 -22.80 47.91
CA VAL A 104 44.67 -23.42 48.76
C VAL A 104 43.57 -24.16 48.02
N GLY A 105 43.64 -24.15 46.70
CA GLY A 105 42.68 -24.91 45.91
C GLY A 105 41.32 -24.27 45.76
N THR A 106 41.18 -23.00 46.12
CA THR A 106 39.86 -22.38 45.96
C THR A 106 39.59 -22.08 44.47
N VAL A 107 38.32 -22.04 44.12
CA VAL A 107 37.92 -21.79 42.74
C VAL A 107 36.96 -20.61 42.67
N ILE A 108 37.19 -19.73 41.72
CA ILE A 108 36.38 -18.56 41.53
CA ILE A 108 36.28 -18.63 41.52
C ILE A 108 36.04 -18.48 40.04
N TYR A 109 34.79 -18.19 39.68
CA TYR A 109 34.46 -17.98 38.28
C TYR A 109 34.25 -16.50 38.02
N HIS A 110 34.84 -16.00 36.94
CA HIS A 110 34.65 -14.62 36.54
C HIS A 110 33.84 -14.59 35.25
N GLU A 111 32.60 -14.12 35.32
CA GLU A 111 31.76 -14.10 34.12
C GLU A 111 32.26 -13.08 33.13
N VAL A 112 32.23 -13.41 31.87
CA VAL A 112 32.55 -12.49 30.82
C VAL A 112 31.35 -12.43 29.90
N ARG A 113 30.80 -11.25 29.68
CA ARG A 113 29.68 -11.10 28.78
C ARG A 113 30.08 -10.22 27.64
N ILE A 114 30.08 -10.77 26.45
CA ILE A 114 30.40 -10.03 25.29
C ILE A 114 29.08 -9.67 24.61
N VAL A 115 28.73 -8.42 24.65
CA VAL A 115 27.50 -7.92 23.98
C VAL A 115 27.79 -7.80 22.51
N VAL A 116 26.96 -8.44 21.69
CA VAL A 116 27.17 -8.35 20.25
C VAL A 116 26.31 -7.24 19.68
N ARG A 117 26.95 -6.21 19.13
CA ARG A 117 26.19 -5.07 18.63
C ARG A 117 25.63 -5.31 17.25
N ASP A 118 24.39 -4.88 17.04
CA ASP A 118 23.76 -4.99 15.74
C ASP A 118 24.38 -4.10 14.70
N ARG A 119 24.66 -4.63 13.53
CA ARG A 119 24.90 -3.80 12.36
C ARG A 119 23.70 -3.80 11.44
N ASN A 120 23.51 -2.76 10.66
CA ASN A 120 22.40 -2.75 9.73
C ASN A 120 22.78 -3.45 8.44
N ASP A 121 22.91 -4.75 8.51
CA ASP A 121 23.32 -5.57 7.39
C ASP A 121 22.21 -6.26 6.61
N ASN A 122 20.97 -5.97 6.98
CA ASN A 122 19.81 -6.51 6.31
C ASN A 122 18.83 -5.43 5.82
N SER A 123 18.24 -5.68 4.68
CA SER A 123 17.27 -4.80 4.08
C SER A 123 15.86 -5.32 4.31
N PRO A 124 14.87 -4.44 4.33
CA PRO A 124 13.47 -4.89 4.46
C PRO A 124 13.12 -5.85 3.33
N THR A 125 12.33 -6.88 3.64
CA THR A 125 11.80 -7.77 2.60
C THR A 125 10.28 -7.71 2.65
N PHE A 126 9.64 -7.52 1.49
CA PHE A 126 8.17 -7.58 1.42
C PHE A 126 7.67 -9.03 1.44
N LYS A 127 6.51 -9.26 2.05
CA LYS A 127 5.95 -10.58 2.08
C LYS A 127 5.57 -11.04 0.64
N HIS A 128 5.07 -10.12 -0.16
CA HIS A 128 4.61 -10.40 -1.49
C HIS A 128 5.34 -9.69 -2.58
N GLU A 129 5.40 -10.29 -3.75
CA GLU A 129 6.01 -9.69 -4.90
C GLU A 129 5.35 -8.42 -5.39
N SER A 130 4.04 -8.34 -5.31
CA SER A 130 3.35 -7.15 -5.72
C SER A 130 2.08 -7.02 -4.91
N TYR A 131 1.50 -5.83 -4.96
CA TYR A 131 0.33 -5.52 -4.18
C TYR A 131 -0.72 -4.90 -5.12
N TYR A 132 -1.99 -5.11 -4.83
CA TYR A 132 -3.05 -4.64 -5.70
C TYR A 132 -4.27 -4.12 -4.97
N ALA A 133 -4.92 -3.07 -5.47
CA ALA A 133 -6.12 -2.59 -4.85
C ALA A 133 -7.04 -2.11 -5.94
N THR A 134 -8.33 -2.16 -5.64
CA THR A 134 -9.30 -1.50 -6.53
C THR A 134 -9.99 -0.41 -5.74
N VAL A 135 -10.36 0.65 -6.45
CA VAL A 135 -11.01 1.79 -5.81
C VAL A 135 -12.11 2.32 -6.76
N ASN A 136 -13.36 2.31 -6.28
CA ASN A 136 -14.43 2.99 -7.03
C ASN A 136 -14.14 4.46 -7.24
N GLU A 137 -14.34 5.02 -8.43
CA GLU A 137 -13.92 6.40 -8.63
C GLU A 137 -14.70 7.38 -7.80
N LEU A 138 -15.87 6.98 -7.26
CA LEU A 138 -16.68 7.95 -6.50
C LEU A 138 -16.14 8.07 -5.02
N THR A 139 -15.19 7.21 -4.69
CA THR A 139 -14.63 7.16 -3.31
C THR A 139 -14.16 8.53 -2.84
N PRO A 140 -14.61 9.01 -1.67
CA PRO A 140 -14.16 10.36 -1.30
C PRO A 140 -12.66 10.46 -0.96
N VAL A 141 -12.04 11.63 -1.24
CA VAL A 141 -10.69 11.91 -0.77
CA VAL A 141 -10.66 11.80 -0.77
C VAL A 141 -10.62 11.72 0.75
N GLY A 142 -9.52 11.12 1.21
CA GLY A 142 -9.26 10.86 2.61
C GLY A 142 -9.64 9.44 2.97
N THR A 143 -10.24 8.71 2.03
CA THR A 143 -10.56 7.30 2.29
C THR A 143 -9.25 6.48 2.31
N THR A 144 -9.15 5.58 3.29
CA THR A 144 -7.99 4.68 3.29
C THR A 144 -8.32 3.55 2.32
N ILE A 145 -7.60 3.49 1.21
CA ILE A 145 -7.98 2.59 0.11
C ILE A 145 -7.14 1.30 0.02
N PHE A 146 -6.11 1.18 0.86
CA PHE A 146 -5.27 -0.02 0.87
C PHE A 146 -4.70 -0.23 2.25
N THR A 147 -4.89 -1.42 2.80
CA THR A 147 -4.35 -1.77 4.11
C THR A 147 -3.57 -3.06 4.00
N GLY A 148 -3.09 -3.35 2.79
CA GLY A 148 -2.56 -4.69 2.54
C GLY A 148 -1.21 -5.00 3.14
N PHE A 149 -0.56 -4.06 3.80
CA PHE A 149 0.65 -4.38 4.57
C PHE A 149 0.32 -4.79 6.00
N SER A 150 -0.95 -4.80 6.36
CA SER A 150 -1.30 -5.08 7.72
C SER A 150 -1.03 -6.53 8.08
N GLY A 151 -0.90 -6.78 9.37
CA GLY A 151 -0.67 -8.10 9.90
C GLY A 151 0.49 -8.83 9.28
N ASP A 152 1.62 -8.17 9.19
CA ASP A 152 2.81 -8.74 8.57
C ASP A 152 2.65 -9.24 7.11
N ASN A 153 1.85 -8.57 6.30
CA ASN A 153 1.76 -8.87 4.93
C ASN A 153 2.61 -7.84 4.25
N GLY A 154 3.24 -7.01 5.03
CA GLY A 154 4.03 -5.96 4.49
C GLY A 154 5.50 -6.28 4.48
N ALA A 155 6.34 -5.38 4.96
CA ALA A 155 7.77 -5.62 4.94
C ALA A 155 8.31 -5.95 6.33
N THR A 156 9.33 -6.79 6.36
CA THR A 156 9.96 -7.18 7.60
CA THR A 156 9.96 -7.22 7.69
C THR A 156 11.47 -6.98 7.46
N ASP A 157 12.11 -6.61 8.55
CA ASP A 157 13.56 -6.42 8.55
C ASP A 157 14.11 -7.17 9.75
N ILE A 158 15.09 -8.04 9.55
CA ILE A 158 15.55 -8.86 10.65
C ILE A 158 16.59 -8.25 11.58
N ASP A 159 17.03 -7.04 11.32
CA ASP A 159 17.94 -6.34 12.21
C ASP A 159 17.21 -5.90 13.50
N ASP A 160 17.95 -5.38 14.44
CA ASP A 160 17.40 -5.05 15.76
C ASP A 160 17.10 -3.56 15.90
N GLY A 161 16.14 -3.22 16.76
CA GLY A 161 15.93 -1.82 17.10
C GLY A 161 15.61 -1.00 15.84
N PRO A 162 16.10 0.24 15.75
CA PRO A 162 15.84 1.12 14.61
C PRO A 162 16.31 0.49 13.30
N ASN A 163 17.36 -0.31 13.34
CA ASN A 163 17.82 -1.01 12.14
C ASN A 163 16.74 -1.95 11.54
N GLY A 164 15.89 -2.53 12.38
CA GLY A 164 14.79 -3.32 11.94
C GLY A 164 13.39 -2.65 11.85
N GLN A 165 13.25 -1.38 12.20
CA GLN A 165 11.98 -0.70 12.09
C GLN A 165 11.77 -0.24 10.66
N ILE A 166 10.53 -0.35 10.21
CA ILE A 166 10.18 -0.05 8.87
C ILE A 166 9.32 1.19 8.65
N GLU A 167 9.69 2.05 7.70
CA GLU A 167 8.87 3.17 7.33
C GLU A 167 8.46 2.95 5.89
N TYR A 168 7.18 3.15 5.60
CA TYR A 168 6.68 3.02 4.25
C TYR A 168 6.48 4.42 3.69
N VAL A 169 7.06 4.67 2.54
CA VAL A 169 7.03 5.95 1.90
C VAL A 169 6.75 5.84 0.40
N ILE A 170 5.94 6.72 -0.16
CA ILE A 170 5.68 6.65 -1.58
C ILE A 170 6.81 7.36 -2.35
N GLN A 171 7.26 6.78 -3.45
CA GLN A 171 8.22 7.46 -4.30
C GLN A 171 7.51 8.05 -5.50
N TYR A 172 8.05 9.15 -6.01
CA TYR A 172 7.69 9.60 -7.34
C TYR A 172 7.98 8.48 -8.31
N ASN A 173 7.01 8.17 -9.16
CA ASN A 173 7.15 7.19 -10.25
C ASN A 173 7.30 7.86 -11.61
N PRO A 174 8.53 7.87 -12.18
CA PRO A 174 8.72 8.54 -13.46
C PRO A 174 7.90 7.90 -14.59
N GLU A 175 7.53 6.63 -14.39
CA GLU A 175 6.65 5.93 -15.34
C GLU A 175 5.17 6.19 -15.13
N ASP A 176 4.82 6.73 -13.97
CA ASP A 176 3.42 7.13 -13.69
C ASP A 176 3.42 8.38 -12.80
N PRO A 177 3.74 9.54 -13.39
CA PRO A 177 4.10 10.71 -12.56
C PRO A 177 2.97 11.18 -11.67
N THR A 178 1.70 10.97 -12.01
CA THR A 178 0.69 11.46 -11.09
C THR A 178 0.38 10.51 -9.90
N SER A 179 0.94 9.30 -9.88
CA SER A 179 0.52 8.41 -8.80
C SER A 179 0.93 8.88 -7.41
N ASN A 180 2.10 9.51 -7.27
CA ASN A 180 2.46 9.96 -5.91
C ASN A 180 1.67 11.23 -5.52
N ASP A 181 1.01 11.89 -6.49
CA ASP A 181 0.11 13.03 -6.18
C ASP A 181 -1.28 12.55 -5.79
N THR A 182 -1.65 11.36 -6.23
CA THR A 182 -3.03 10.89 -6.11
C THR A 182 -3.22 10.08 -4.84
N PHE A 183 -2.12 9.52 -4.33
CA PHE A 183 -2.17 8.66 -3.14
C PHE A 183 -1.13 9.12 -2.12
N GLU A 184 -1.35 8.82 -0.84
CA GLU A 184 -0.39 9.21 0.21
C GLU A 184 -0.39 8.15 1.31
N ILE A 185 0.71 8.10 2.03
CA ILE A 185 0.82 7.23 3.22
C ILE A 185 1.09 8.15 4.37
N PRO A 186 0.07 8.53 5.11
CA PRO A 186 0.26 9.55 6.13
C PRO A 186 0.94 8.97 7.35
N LEU A 187 0.75 7.67 7.61
CA LEU A 187 1.40 7.05 8.79
C LEU A 187 2.49 6.10 8.26
N MET A 188 3.75 6.54 8.30
CA MET A 188 4.87 5.72 7.76
C MET A 188 4.95 4.37 8.43
N LEU A 189 4.49 4.29 9.66
CA LEU A 189 4.72 3.02 10.37
C LEU A 189 3.74 1.94 9.90
N THR A 190 2.57 2.32 9.36
CA THR A 190 1.58 1.32 8.94
C THR A 190 1.63 1.04 7.43
N GLY A 191 2.00 2.03 6.63
CA GLY A 191 2.00 1.80 5.20
C GLY A 191 0.57 1.78 4.59
N ASN A 192 -0.44 2.16 5.37
CA ASN A 192 -1.81 2.19 4.79
C ASN A 192 -1.86 3.39 3.83
N VAL A 193 -2.54 3.21 2.71
CA VAL A 193 -2.53 4.22 1.65
C VAL A 193 -3.90 4.89 1.63
N VAL A 194 -3.89 6.22 1.57
CA VAL A 194 -5.06 7.08 1.56
C VAL A 194 -5.20 7.80 0.21
N LEU A 195 -6.44 7.93 -0.24
CA LEU A 195 -6.69 8.63 -1.50
C LEU A 195 -6.50 10.13 -1.26
N ARG A 196 -5.59 10.75 -1.99
CA ARG A 196 -5.28 12.16 -1.77
C ARG A 196 -5.97 13.10 -2.77
N LYS A 197 -6.24 12.59 -3.96
CA LYS A 197 -6.91 13.37 -5.01
C LYS A 197 -8.06 12.59 -5.59
N ARG A 198 -9.11 13.31 -5.97
CA ARG A 198 -10.27 12.67 -6.52
C ARG A 198 -9.97 11.95 -7.86
N LEU A 199 -10.54 10.75 -7.99
CA LEU A 199 -10.33 9.95 -9.17
C LEU A 199 -11.32 10.35 -10.27
N ASN A 200 -10.98 9.98 -11.50
CA ASN A 200 -11.92 10.11 -12.61
C ASN A 200 -11.64 8.99 -13.60
N TYR A 201 -12.54 8.01 -13.67
CA TYR A 201 -12.38 6.85 -14.55
C TYR A 201 -12.22 7.24 -16.01
N GLU A 202 -12.86 8.35 -16.42
CA GLU A 202 -12.78 8.78 -17.82
C GLU A 202 -11.35 9.23 -18.17
N ASP A 203 -10.56 9.61 -17.16
CA ASP A 203 -9.21 10.16 -17.36
C ASP A 203 -8.12 9.14 -17.14
N LYS A 204 -8.24 8.33 -16.08
CA LYS A 204 -7.14 7.40 -15.76
C LYS A 204 -7.70 6.21 -15.01
N THR A 205 -7.37 4.99 -15.44
CA THR A 205 -8.01 3.84 -14.77
C THR A 205 -7.03 2.94 -14.00
N ARG A 206 -5.74 3.20 -14.12
CA ARG A 206 -4.77 2.41 -13.37
C ARG A 206 -3.59 3.27 -12.94
N TYR A 207 -3.13 3.05 -11.70
CA TYR A 207 -1.98 3.76 -11.19
C TYR A 207 -0.93 2.74 -10.74
N TYR A 208 0.33 3.07 -10.94
CA TYR A 208 1.43 2.29 -10.36
C TYR A 208 2.08 3.13 -9.29
N VAL A 209 1.81 2.76 -8.04
CA VAL A 209 2.27 3.50 -6.88
C VAL A 209 3.53 2.81 -6.37
N ILE A 210 4.67 3.49 -6.43
CA ILE A 210 5.91 2.92 -5.92
CA ILE A 210 5.90 2.88 -5.92
C ILE A 210 5.99 3.15 -4.42
N ILE A 211 6.10 2.07 -3.66
CA ILE A 211 6.16 2.21 -2.21
C ILE A 211 7.50 1.64 -1.77
N GLN A 212 8.29 2.47 -1.10
CA GLN A 212 9.55 1.95 -0.52
C GLN A 212 9.25 1.54 0.92
N ALA A 213 10.02 0.59 1.39
CA ALA A 213 10.04 0.27 2.78
C ALA A 213 11.51 0.55 3.15
N ASN A 214 11.77 1.43 4.08
CA ASN A 214 13.15 1.69 4.50
C ASN A 214 13.29 1.36 5.96
N ASP A 215 14.48 0.99 6.39
CA ASP A 215 14.71 0.77 7.81
C ASP A 215 15.09 2.11 8.46
N ARG A 216 15.17 2.13 9.78
CA ARG A 216 15.42 3.36 10.48
C ARG A 216 16.81 3.51 11.10
N ALA A 217 17.82 3.02 10.40
CA ALA A 217 19.19 3.16 10.90
C ALA A 217 19.46 4.63 11.25
N GLN A 218 20.19 4.82 12.35
CA GLN A 218 20.49 6.16 12.86
C GLN A 218 21.22 7.04 11.85
N ASN A 219 22.04 6.41 11.04
CA ASN A 219 22.85 7.13 10.01
C ASN A 219 22.15 7.00 8.65
N LEU A 220 21.74 8.11 8.05
CA LEU A 220 21.02 8.03 6.79
C LEU A 220 21.78 7.25 5.74
N ASN A 221 23.12 7.33 5.79
CA ASN A 221 23.97 6.68 4.78
C ASN A 221 23.92 5.18 4.96
N GLU A 222 23.52 4.74 6.14
CA GLU A 222 23.45 3.32 6.40
C GLU A 222 22.08 2.71 6.27
N ARG A 223 21.05 3.52 6.03
CA ARG A 223 19.70 2.96 5.90
C ARG A 223 19.58 2.12 4.65
N ARG A 224 18.73 1.12 4.71
CA ARG A 224 18.51 0.25 3.59
C ARG A 224 17.08 0.38 3.08
N THR A 225 16.90 0.29 1.77
CA THR A 225 15.61 0.47 1.16
C THR A 225 15.22 -0.65 0.19
N THR A 226 13.96 -1.04 0.19
CA THR A 226 13.45 -2.02 -0.74
C THR A 226 12.15 -1.44 -1.32
N THR A 227 11.89 -1.63 -2.59
CA THR A 227 10.69 -1.12 -3.21
C THR A 227 9.70 -2.18 -3.72
N THR A 228 8.44 -1.81 -3.73
CA THR A 228 7.37 -2.63 -4.28
C THR A 228 6.42 -1.75 -5.05
N THR A 229 5.61 -2.35 -5.88
CA THR A 229 4.65 -1.57 -6.60
C THR A 229 3.22 -1.92 -6.18
N LEU A 230 2.40 -0.93 -5.89
CA LEU A 230 1.03 -1.18 -5.57
C LEU A 230 0.27 -0.73 -6.82
N THR A 231 -0.45 -1.67 -7.40
CA THR A 231 -1.17 -1.36 -8.59
C THR A 231 -2.58 -1.05 -8.13
N VAL A 232 -3.11 0.09 -8.53
CA VAL A 232 -4.46 0.46 -8.16
C VAL A 232 -5.29 0.61 -9.43
N ASP A 233 -6.39 -0.12 -9.48
CA ASP A 233 -7.29 -0.05 -10.60
C ASP A 233 -8.53 0.69 -10.12
N VAL A 234 -8.94 1.68 -10.89
CA VAL A 234 -10.13 2.45 -10.61
C VAL A 234 -11.34 1.74 -11.20
N LEU A 235 -12.41 1.68 -10.46
CA LEU A 235 -13.63 1.05 -10.93
C LEU A 235 -14.59 2.16 -11.36
N ASP A 236 -15.25 1.94 -12.48
CA ASP A 236 -16.15 2.92 -13.06
C ASP A 236 -17.35 3.07 -12.12
N GLY A 237 -17.66 4.31 -11.72
CA GLY A 237 -18.80 4.57 -10.86
C GLY A 237 -19.83 5.41 -11.61
N ASP A 238 -21.04 5.46 -11.04
CA ASP A 238 -22.16 6.14 -11.67
C ASP A 238 -22.13 7.64 -11.41
N ASP A 239 -21.22 8.35 -12.08
CA ASP A 239 -21.16 9.82 -11.96
C ASP A 239 -21.71 10.50 -13.20
N LEU A 240 -22.04 9.72 -14.22
CA LEU A 240 -22.53 10.31 -15.48
C LEU A 240 -23.89 9.76 -15.84
N GLY A 241 -24.68 10.56 -16.55
CA GLY A 241 -25.99 10.08 -17.02
C GLY A 241 -25.94 9.64 -18.48
N PRO A 242 -27.13 9.53 -19.11
CA PRO A 242 -27.20 9.04 -20.49
C PRO A 242 -26.72 10.07 -21.48
N MET A 243 -26.46 9.58 -22.68
CA MET A 243 -26.18 10.46 -23.82
CA MET A 243 -26.21 10.47 -23.83
C MET A 243 -27.02 9.98 -25.00
N PHE A 244 -27.67 10.90 -25.69
CA PHE A 244 -28.46 10.53 -26.87
C PHE A 244 -27.54 10.21 -28.04
N LEU A 245 -27.99 9.30 -28.89
CA LEU A 245 -27.32 8.92 -30.11
C LEU A 245 -28.26 9.17 -31.29
N PRO A 246 -27.73 9.54 -32.45
CA PRO A 246 -26.35 9.85 -32.77
C PRO A 246 -25.93 11.17 -32.22
N CYS A 247 -24.63 11.39 -32.10
CA CYS A 247 -24.15 12.65 -31.62
C CYS A 247 -22.84 13.04 -32.29
N VAL A 248 -22.50 14.29 -32.24
CA VAL A 248 -21.26 14.74 -32.80
C VAL A 248 -20.47 15.36 -31.71
N LEU A 249 -19.23 14.95 -31.59
CA LEU A 249 -18.38 15.49 -30.56
C LEU A 249 -17.91 16.85 -30.92
N VAL A 250 -18.07 17.79 -30.01
CA VAL A 250 -17.52 19.13 -30.23
C VAL A 250 -16.02 19.09 -30.10
N PRO A 251 -15.28 19.60 -31.09
CA PRO A 251 -13.82 19.55 -31.08
C PRO A 251 -13.24 20.10 -29.77
N ASN A 252 -12.26 19.42 -29.18
CA ASN A 252 -11.57 19.82 -27.97
C ASN A 252 -12.48 19.76 -26.74
N THR A 253 -13.48 18.89 -26.80
CA THR A 253 -14.39 18.67 -25.70
C THR A 253 -14.85 17.25 -25.65
N ARG A 254 -15.51 16.89 -24.59
CA ARG A 254 -16.08 15.58 -24.46
C ARG A 254 -17.59 15.69 -24.58
N ASP A 255 -18.06 16.81 -25.12
CA ASP A 255 -19.48 17.01 -25.27
C ASP A 255 -19.94 16.45 -26.61
N CYS A 256 -20.77 15.43 -26.61
CA CYS A 256 -21.19 14.87 -27.86
C CYS A 256 -22.60 15.34 -27.97
N ARG A 257 -22.83 16.34 -28.80
CA ARG A 257 -24.13 16.91 -28.97
C ARG A 257 -25.10 16.22 -29.91
N PRO A 258 -26.33 16.14 -29.48
CA PRO A 258 -27.37 15.48 -30.24
C PRO A 258 -27.92 16.32 -31.37
N LEU A 259 -28.57 15.59 -32.24
CA LEU A 259 -29.30 16.09 -33.38
C LEU A 259 -30.71 16.46 -32.94
N THR A 260 -31.46 17.05 -33.84
CA THR A 260 -32.83 17.28 -33.54
C THR A 260 -33.54 16.11 -34.21
N TYR A 261 -34.27 15.31 -33.45
CA TYR A 261 -35.00 14.20 -34.00
C TYR A 261 -36.19 14.72 -34.80
N GLN A 262 -36.57 13.98 -35.83
CA GLN A 262 -37.66 14.35 -36.73
C GLN A 262 -38.78 13.34 -36.92
N ALA A 263 -40.02 13.83 -36.98
CA ALA A 263 -41.20 13.01 -37.24
C ALA A 263 -42.20 13.83 -38.04
N ALA A 264 -43.10 13.16 -38.75
CA ALA A 264 -44.14 13.85 -39.52
C ALA A 264 -45.43 13.04 -39.46
N ILE A 265 -46.55 13.74 -39.32
CA ILE A 265 -47.83 13.09 -39.09
C ILE A 265 -48.80 13.63 -40.10
N PRO A 266 -49.35 12.77 -40.93
CA PRO A 266 -50.37 13.26 -41.86
C PRO A 266 -51.60 13.78 -41.11
N GLU A 267 -52.13 14.91 -41.53
CA GLU A 267 -53.27 15.41 -40.82
C GLU A 267 -54.50 14.56 -40.98
N LEU A 268 -55.31 14.48 -39.94
CA LEU A 268 -56.57 13.79 -39.88
C LEU A 268 -56.55 12.26 -39.92
N ARG A 269 -55.41 11.59 -40.01
CA ARG A 269 -55.42 10.16 -40.01
C ARG A 269 -55.43 9.71 -38.58
N THR A 270 -56.02 8.56 -38.32
CA THR A 270 -56.13 8.11 -36.97
C THR A 270 -54.90 7.41 -36.42
N PRO A 271 -54.84 7.30 -35.12
CA PRO A 271 -53.77 6.54 -34.45
C PRO A 271 -53.66 5.08 -34.93
N GLU A 272 -54.78 4.44 -35.21
CA GLU A 272 -54.76 3.06 -35.69
C GLU A 272 -54.04 3.02 -37.03
N GLU A 273 -54.31 4.02 -37.87
CA GLU A 273 -53.70 4.12 -39.17
C GLU A 273 -52.22 4.43 -39.06
N LEU A 274 -51.83 5.22 -38.06
CA LEU A 274 -50.47 5.74 -38.09
C LEU A 274 -49.47 5.10 -37.13
N ASN A 275 -49.94 4.49 -36.05
CA ASN A 275 -48.98 4.14 -35.00
C ASN A 275 -48.20 2.88 -35.36
N PRO A 276 -46.94 2.79 -34.90
CA PRO A 276 -46.21 3.82 -34.14
C PRO A 276 -45.64 4.92 -35.03
N ILE A 277 -45.46 6.12 -34.47
CA ILE A 277 -44.96 7.23 -35.27
C ILE A 277 -43.45 7.08 -35.43
N LEU A 278 -42.99 6.96 -36.67
CA LEU A 278 -41.56 6.80 -36.94
C LEU A 278 -40.76 8.07 -36.62
N VAL A 279 -39.68 7.94 -35.87
CA VAL A 279 -38.78 9.08 -35.56
C VAL A 279 -37.45 8.82 -36.29
N THR A 280 -36.91 9.86 -36.91
CA THR A 280 -35.66 9.72 -37.69
C THR A 280 -34.62 10.71 -37.19
N PRO A 281 -33.41 10.22 -36.86
CA PRO A 281 -33.03 8.82 -36.61
C PRO A 281 -33.79 8.31 -35.37
N PRO A 282 -33.76 7.00 -35.10
CA PRO A 282 -34.45 6.43 -33.94
C PRO A 282 -33.96 7.01 -32.62
N ILE A 283 -34.86 7.27 -31.68
CA ILE A 283 -34.46 7.83 -30.40
C ILE A 283 -33.80 6.74 -29.58
N GLN A 284 -32.56 6.97 -29.21
CA GLN A 284 -31.91 6.09 -28.24
C GLN A 284 -30.88 6.86 -27.43
N ALA A 285 -30.62 6.33 -26.24
CA ALA A 285 -29.59 6.89 -25.39
C ALA A 285 -28.82 5.75 -24.73
N ILE A 286 -27.59 6.03 -24.34
CA ILE A 286 -26.80 5.03 -23.59
C ILE A 286 -26.14 5.69 -22.39
N ASP A 287 -25.76 4.89 -21.40
CA ASP A 287 -25.10 5.46 -20.21
C ASP A 287 -23.67 5.90 -20.55
N GLN A 288 -23.30 7.13 -20.21
CA GLN A 288 -21.95 7.61 -20.51
C GLN A 288 -20.92 6.83 -19.68
N ASP A 289 -21.37 6.16 -18.61
CA ASP A 289 -20.51 5.21 -17.86
C ASP A 289 -20.54 3.90 -18.61
N ARG A 290 -19.44 3.58 -19.28
CA ARG A 290 -19.42 2.43 -20.18
C ARG A 290 -18.94 1.14 -19.56
N ASN A 291 -18.45 1.19 -18.33
CA ASN A 291 -17.92 -0.06 -17.77
C ASN A 291 -18.31 -0.28 -16.32
N ILE A 292 -19.57 0.04 -16.03
CA ILE A 292 -20.09 -0.24 -14.69
C ILE A 292 -20.09 -1.74 -14.44
N GLN A 293 -19.48 -2.14 -13.32
CA GLN A 293 -19.46 -3.53 -12.91
C GLN A 293 -20.05 -3.64 -11.51
N PRO A 294 -20.80 -4.71 -11.24
CA PRO A 294 -21.22 -5.77 -12.14
C PRO A 294 -22.38 -5.27 -12.98
N PRO A 295 -22.74 -6.00 -14.04
CA PRO A 295 -23.82 -5.55 -14.93
C PRO A 295 -25.15 -5.26 -14.20
N SER A 296 -25.40 -5.97 -13.11
CA SER A 296 -26.65 -5.81 -12.36
C SER A 296 -26.76 -4.45 -11.67
N ASP A 297 -25.65 -3.73 -11.54
CA ASP A 297 -25.68 -2.39 -11.01
C ASP A 297 -25.95 -1.35 -12.07
N ARG A 298 -26.08 -1.76 -13.32
CA ARG A 298 -26.31 -0.74 -14.36
C ARG A 298 -27.77 -0.29 -14.33
N PRO A 299 -27.99 1.02 -14.38
CA PRO A 299 -29.38 1.49 -14.34
C PRO A 299 -30.07 1.35 -15.69
N GLY A 300 -31.40 1.38 -15.65
CA GLY A 300 -32.22 1.51 -16.86
C GLY A 300 -32.36 2.99 -17.23
N ILE A 301 -32.80 3.26 -18.47
CA ILE A 301 -32.98 4.63 -18.93
C ILE A 301 -34.47 4.82 -19.14
N LEU A 302 -34.95 5.96 -18.67
CA LEU A 302 -36.32 6.41 -18.82
C LEU A 302 -36.34 7.54 -19.79
N TYR A 303 -37.20 7.39 -20.80
CA TYR A 303 -37.43 8.38 -21.81
C TYR A 303 -38.78 9.06 -21.57
N SER A 304 -38.80 10.40 -21.74
CA SER A 304 -40.06 11.09 -21.65
C SER A 304 -40.06 12.36 -22.47
N ILE A 305 -41.28 12.84 -22.76
CA ILE A 305 -41.42 14.21 -23.30
C ILE A 305 -41.48 15.14 -22.11
N LEU A 306 -40.45 15.98 -21.99
CA LEU A 306 -40.28 16.81 -20.82
C LEU A 306 -41.18 18.05 -20.86
N VAL A 307 -40.99 18.80 -21.95
CA VAL A 307 -41.75 20.03 -22.26
C VAL A 307 -41.90 20.14 -23.76
N GLY A 308 -42.72 21.09 -24.20
CA GLY A 308 -42.90 21.19 -25.65
C GLY A 308 -43.80 22.33 -25.97
N THR A 309 -43.77 22.73 -27.25
CA THR A 309 -44.61 23.84 -27.74
CA THR A 309 -44.57 23.85 -27.73
C THR A 309 -45.27 23.42 -29.02
N PRO A 310 -46.58 23.68 -29.15
CA PRO A 310 -47.50 24.25 -28.18
C PRO A 310 -47.69 23.26 -27.04
N GLU A 311 -48.21 23.78 -25.95
CA GLU A 311 -48.18 23.00 -24.71
C GLU A 311 -49.32 21.96 -24.63
N ASP A 312 -50.13 21.84 -25.67
CA ASP A 312 -51.17 20.83 -25.66
C ASP A 312 -50.64 19.47 -26.19
N TYR A 313 -49.34 19.34 -26.38
CA TYR A 313 -48.82 18.06 -26.92
C TYR A 313 -49.22 16.81 -26.08
N PRO A 314 -49.45 16.95 -24.75
CA PRO A 314 -49.84 15.70 -24.09
C PRO A 314 -51.21 15.13 -24.55
N ARG A 315 -52.08 15.97 -25.10
CA ARG A 315 -53.31 15.48 -25.72
C ARG A 315 -53.04 14.58 -26.93
N PHE A 316 -51.90 14.78 -27.56
CA PHE A 316 -51.64 14.12 -28.86
C PHE A 316 -50.58 13.02 -28.84
N PHE A 317 -49.58 13.14 -27.98
CA PHE A 317 -48.47 12.21 -28.01
C PHE A 317 -48.12 11.52 -26.73
N HIS A 318 -47.75 10.25 -26.82
CA HIS A 318 -47.31 9.48 -25.71
C HIS A 318 -45.99 8.86 -26.07
N MET A 319 -45.02 8.91 -25.17
CA MET A 319 -43.74 8.26 -25.33
C MET A 319 -43.61 7.07 -24.38
N HIS A 320 -43.24 5.89 -24.89
CA HIS A 320 -43.03 4.76 -24.02
C HIS A 320 -41.77 5.02 -23.20
N PRO A 321 -41.86 4.86 -21.87
CA PRO A 321 -40.69 5.26 -21.07
C PRO A 321 -39.48 4.36 -21.23
N ARG A 322 -39.63 3.12 -21.69
CA ARG A 322 -38.42 2.26 -21.79
C ARG A 322 -37.91 2.14 -23.22
N THR A 323 -38.83 2.21 -24.18
CA THR A 323 -38.45 2.04 -25.58
C THR A 323 -38.34 3.36 -26.36
N ALA A 324 -38.86 4.44 -25.78
CA ALA A 324 -39.02 5.75 -26.44
C ALA A 324 -39.96 5.74 -27.63
N GLU A 325 -40.67 4.65 -27.86
CA GLU A 325 -41.67 4.63 -28.95
C GLU A 325 -42.69 5.75 -28.78
N LEU A 326 -42.99 6.39 -29.91
CA LEU A 326 -43.84 7.54 -29.95
C LEU A 326 -45.18 7.12 -30.53
N THR A 327 -46.27 7.39 -29.83
CA THR A 327 -47.57 7.07 -30.41
C THR A 327 -48.48 8.30 -30.41
N LEU A 328 -49.34 8.35 -31.41
CA LEU A 328 -50.34 9.39 -31.52
C LEU A 328 -51.62 9.00 -30.74
N LEU A 329 -52.24 9.95 -30.02
CA LEU A 329 -53.40 9.64 -29.18
C LEU A 329 -54.70 10.04 -29.82
N GLU A 330 -54.65 10.97 -30.75
CA GLU A 330 -55.84 11.31 -31.51
C GLU A 330 -55.46 11.95 -32.84
N PRO A 331 -56.37 11.93 -33.81
CA PRO A 331 -56.00 12.49 -35.12
C PRO A 331 -55.74 13.98 -35.01
N VAL A 332 -54.88 14.51 -35.87
CA VAL A 332 -54.51 15.92 -35.76
C VAL A 332 -55.09 16.78 -36.88
N ASN A 333 -55.87 17.79 -36.50
CA ASN A 333 -56.45 18.72 -37.47
C ASN A 333 -55.45 19.84 -37.71
N ARG A 334 -54.95 19.97 -38.93
CA ARG A 334 -53.82 20.90 -39.18
C ARG A 334 -54.26 22.39 -39.12
N ASP A 335 -55.57 22.67 -39.19
CA ASP A 335 -56.06 24.05 -39.00
C ASP A 335 -55.65 24.58 -37.61
N PHE A 336 -55.60 23.65 -36.66
CA PHE A 336 -55.34 23.98 -35.26
C PHE A 336 -53.92 23.67 -34.82
N HIS A 337 -53.23 22.74 -35.49
CA HIS A 337 -51.93 22.21 -35.03
C HIS A 337 -51.04 22.01 -36.27
N GLN A 338 -50.01 22.83 -36.44
CA GLN A 338 -49.19 22.74 -37.65
C GLN A 338 -47.88 22.05 -37.39
N LYS A 339 -47.36 22.15 -36.16
CA LYS A 339 -46.07 21.52 -35.81
C LYS A 339 -45.93 21.50 -34.31
N PHE A 340 -45.04 20.62 -33.82
CA PHE A 340 -44.70 20.58 -32.39
C PHE A 340 -43.18 20.58 -32.26
N ASP A 341 -42.68 21.30 -31.24
CA ASP A 341 -41.27 21.20 -30.89
C ASP A 341 -41.20 20.74 -29.46
N LEU A 342 -40.70 19.51 -29.28
CA LEU A 342 -40.71 18.85 -28.00
C LEU A 342 -39.26 18.70 -27.50
N VAL A 343 -39.11 18.63 -26.18
CA VAL A 343 -37.85 18.30 -25.58
C VAL A 343 -38.01 16.92 -24.99
N ILE A 344 -37.12 16.01 -25.39
CA ILE A 344 -37.12 14.66 -24.86
C ILE A 344 -36.02 14.55 -23.79
N LYS A 345 -36.37 13.92 -22.68
CA LYS A 345 -35.38 13.67 -21.61
C LYS A 345 -35.06 12.20 -21.57
N ALA A 346 -33.77 11.87 -21.41
CA ALA A 346 -33.39 10.52 -21.07
C ALA A 346 -32.65 10.59 -19.72
N GLU A 347 -33.12 9.83 -18.75
CA GLU A 347 -32.47 9.88 -17.44
C GLU A 347 -32.38 8.51 -16.84
N GLN A 348 -31.51 8.37 -15.82
CA GLN A 348 -31.39 7.07 -15.17
C GLN A 348 -32.54 6.80 -14.21
N ASP A 349 -32.87 5.52 -14.00
CA ASP A 349 -34.02 5.15 -13.19
C ASP A 349 -33.62 4.75 -11.77
N ASN A 350 -32.43 5.15 -11.35
CA ASN A 350 -31.83 4.64 -10.09
C ASN A 350 -31.79 5.70 -8.96
N GLY A 351 -32.54 6.79 -9.15
CA GLY A 351 -32.53 7.84 -8.16
C GLY A 351 -31.44 8.89 -8.41
N HIS A 352 -30.62 8.68 -9.43
CA HIS A 352 -29.55 9.62 -9.78
C HIS A 352 -29.73 9.92 -11.27
N PRO A 353 -30.73 10.76 -11.58
CA PRO A 353 -31.21 10.75 -12.97
C PRO A 353 -30.18 11.29 -13.98
N LEU A 354 -29.44 12.33 -13.60
CA LEU A 354 -28.36 12.89 -14.45
C LEU A 354 -28.82 13.01 -15.92
N PRO A 355 -29.94 13.69 -16.12
CA PRO A 355 -30.59 13.62 -17.43
C PRO A 355 -29.79 14.26 -18.58
N ALA A 356 -30.08 13.72 -19.76
CA ALA A 356 -29.73 14.31 -21.05
C ALA A 356 -31.02 14.79 -21.74
N PHE A 357 -30.85 15.74 -22.64
CA PHE A 357 -32.01 16.33 -23.34
C PHE A 357 -31.74 16.42 -24.80
N ALA A 358 -32.80 16.23 -25.61
CA ALA A 358 -32.66 16.35 -27.04
C ALA A 358 -33.95 16.93 -27.56
N SER A 359 -33.89 17.52 -28.73
CA SER A 359 -35.13 18.07 -29.35
C SER A 359 -35.78 17.09 -30.29
N LEU A 360 -37.11 17.20 -30.42
CA LEU A 360 -37.87 16.37 -31.37
C LEU A 360 -38.83 17.34 -32.04
N HIS A 361 -38.67 17.47 -33.36
CA HIS A 361 -39.55 18.30 -34.17
C HIS A 361 -40.59 17.46 -34.91
N ILE A 362 -41.87 17.81 -34.76
CA ILE A 362 -42.90 17.03 -35.43
C ILE A 362 -43.65 17.91 -36.37
N GLU A 363 -43.64 17.55 -37.66
CA GLU A 363 -44.45 18.28 -38.63
C GLU A 363 -45.85 17.70 -38.80
N ILE A 364 -46.90 18.52 -38.83
CA ILE A 364 -48.19 17.97 -39.22
C ILE A 364 -48.34 18.23 -40.72
N LEU A 365 -48.63 17.19 -41.50
CA LEU A 365 -48.65 17.30 -42.97
C LEU A 365 -50.05 17.54 -43.51
N ASP A 366 -50.15 18.42 -44.51
CA ASP A 366 -51.43 18.78 -45.11
C ASP A 366 -52.18 17.59 -45.75
CA CA B . 24.12 -10.08 10.52
CA CA C . 22.14 -7.00 11.90
CA CA D . 17.86 -3.34 8.43
CA CA E . -18.04 6.85 -14.36
CA CA F . -24.31 6.28 -15.21
C1 EDO G . 5.64 11.24 -1.78
O1 EDO G . 4.53 11.63 -2.59
C2 EDO G . 6.91 11.54 -2.59
O2 EDO G . 6.86 12.88 -3.14
C1 EDO H . 26.59 -17.70 21.67
O1 EDO H . 25.20 -17.99 21.94
C2 EDO H . 27.38 -18.71 22.49
O2 EDO H . 26.81 -18.72 23.81
C1 EDO I . 8.57 -12.10 -2.36
O1 EDO I . 9.60 -12.64 -1.50
C2 EDO I . 8.71 -10.59 -2.36
O2 EDO I . 10.01 -10.20 -1.88
C1 EDO J . 47.38 -9.88 33.51
O1 EDO J . 46.81 -8.81 34.30
C2 EDO J . 48.71 -9.61 32.81
O2 EDO J . 49.11 -8.24 32.96
C1 EDO K . 44.59 -18.19 22.51
O1 EDO K . 45.66 -17.29 22.86
C2 EDO K . 44.41 -18.25 21.01
O2 EDO K . 45.59 -17.72 20.36
C1 MAN L . -8.30 5.46 6.64
C2 MAN L . -8.29 6.92 6.99
C3 MAN L . -6.92 7.38 7.45
C4 MAN L . -6.34 6.47 8.50
C5 MAN L . -6.46 5.00 8.11
C6 MAN L . -6.05 4.14 9.30
O2 MAN L . -9.23 7.17 8.03
O3 MAN L . -7.04 8.69 8.00
O4 MAN L . -4.97 6.78 8.69
O5 MAN L . -7.82 4.64 7.72
O6 MAN L . -6.01 2.78 8.89
C1 MAN M . 17.19 3.75 0.92
C2 MAN M . 17.48 4.50 2.19
C3 MAN M . 16.37 5.46 2.56
C4 MAN M . 15.97 6.33 1.38
C5 MAN M . 15.76 5.51 0.12
C6 MAN M . 15.57 6.46 -1.06
O2 MAN M . 18.70 5.24 2.03
O3 MAN M . 16.81 6.31 3.62
O4 MAN M . 14.75 7.00 1.70
O5 MAN M . 16.90 4.64 -0.17
O6 MAN M . 15.25 5.71 -2.22
C1 MAN N . 11.01 -1.24 -6.75
C2 MAN N . 12.04 -2.17 -7.30
C3 MAN N . 13.39 -1.49 -7.48
C4 MAN N . 13.26 -0.17 -8.20
C5 MAN N . 12.14 0.68 -7.64
C6 MAN N . 11.93 1.91 -8.54
O2 MAN N . 11.61 -2.67 -8.58
O3 MAN N . 14.24 -2.35 -8.23
O4 MAN N . 14.49 0.54 -8.09
O5 MAN N . 10.88 -0.05 -7.54
O6 MAN N . 11.36 1.48 -9.77
C1 MAN O . 6.90 -2.24 -9.27
C2 MAN O . 8.32 -1.75 -9.31
C3 MAN O . 8.49 -0.57 -10.26
C4 MAN O . 7.86 -0.84 -11.61
C5 MAN O . 6.46 -1.41 -11.48
C6 MAN O . 5.96 -1.84 -12.85
O2 MAN O . 9.18 -2.81 -9.73
O3 MAN O . 9.88 -0.32 -10.45
O4 MAN O . 7.81 0.37 -12.35
O5 MAN O . 6.41 -2.56 -10.57
O6 MAN O . 4.79 -2.62 -12.71
C1 MAN P . 0.62 -4.23 -9.41
C2 MAN P . 2.02 -4.08 -9.93
C3 MAN P . 2.08 -4.28 -11.44
C4 MAN P . 1.35 -5.51 -11.88
C5 MAN P . -0.03 -5.62 -11.25
C6 MAN P . -0.62 -7.00 -11.58
O2 MAN P . 2.85 -5.07 -9.30
O3 MAN P . 3.45 -4.38 -11.83
O4 MAN P . 1.22 -5.49 -13.30
O5 MAN P . 0.02 -5.47 -9.80
O6 MAN P . -1.94 -7.06 -11.07
C1 NAG Q . 42.05 -16.74 14.54
C2 NAG Q . 43.40 -17.14 13.99
C3 NAG Q . 44.22 -17.84 15.00
C4 NAG Q . 44.30 -17.09 16.28
C5 NAG Q . 42.94 -16.65 16.78
C6 NAG Q . 43.11 -15.74 17.94
C7 NAG Q . 43.45 -17.64 11.58
C8 NAG Q . 43.20 -18.66 10.48
N2 NAG Q . 43.20 -18.03 12.85
O3 NAG Q . 45.57 -18.03 14.48
O4 NAG Q . 44.91 -17.93 17.28
O5 NAG Q . 42.17 -15.96 15.74
O6 NAG Q . 43.87 -14.62 17.55
O7 NAG Q . 43.87 -16.52 11.33
C1 NAG R . 37.15 -22.41 16.97
C2 NAG R . 37.63 -23.67 17.65
C3 NAG R . 37.45 -24.86 16.79
C4 NAG R . 36.06 -24.98 16.28
C5 NAG R . 35.58 -23.67 15.66
C6 NAG R . 34.12 -23.79 15.34
C7 NAG R . 39.53 -23.47 19.20
C8 NAG R . 41.03 -23.31 19.37
N2 NAG R . 39.06 -23.52 17.95
O3 NAG R . 37.75 -26.05 17.58
O4 NAG R . 36.01 -26.01 15.28
O5 NAG R . 35.78 -22.52 16.54
O6 NAG R . 33.40 -23.95 16.54
O7 NAG R . 38.79 -23.55 20.16
C1 NAG S . 5.40 13.69 -6.09
C2 NAG S . 5.24 14.79 -5.07
C3 NAG S . 5.65 16.11 -5.61
C4 NAG S . 7.01 16.06 -6.23
C5 NAG S . 7.14 14.90 -7.21
C6 NAG S . 8.56 14.79 -7.65
C7 NAG S . 3.46 14.71 -3.37
C8 NAG S . 1.98 14.81 -3.08
N2 NAG S . 3.85 14.86 -4.65
O3 NAG S . 5.68 17.08 -4.52
O4 NAG S . 7.24 17.28 -6.93
O5 NAG S . 6.72 13.63 -6.62
O6 NAG S . 9.35 14.33 -6.57
O7 NAG S . 4.27 14.50 -2.49
#